data_5XOE
#
_entry.id   5XOE
#
_cell.length_a   116.230
_cell.length_b   36.949
_cell.length_c   87.810
_cell.angle_alpha   90.00
_cell.angle_beta   123.30
_cell.angle_gamma   90.00
#
_symmetry.space_group_name_H-M   'C 1 2 1'
#
loop_
_entity.id
_entity.type
_entity.pdbx_description
1 polymer 'ATP-dependent 6-phosphofructokinase'
2 water water
#
_entity_poly.entity_id   1
_entity_poly.type   'polypeptide(L)'
_entity_poly.pdbx_seq_one_letter_code
;MKKIAVLTSGGDSPGMNAAVRAVVRTAIYNEIEVYGVYHGYQGLLNDDIHKLELGSVGDTIQRGGTFLYSARCPEFKEQE
VRKVAIENLRKRGIEGLVVIGGDGSYRGAQRISEECKEIQTIGIPGTIDNDINGTDFTIGFDTALNTIIGLVDKIRDTAS
SHARTFIIEAMGRDCGDLALWAGLSVGAETIVVPEVKTDIKEIADKIEQGIKRGKKHSIVLVAEGCMTAQDCQKELSQYI
NVDNRVSVLGHVQRGGSPTGADRVLASRLGGYAVDLLMQGETAKGVGIKNNKIVATSFDEIFDGKDHKFDYSLYELANKL
SI
;
_entity_poly.pdbx_strand_id   A
#
# COMPACT_ATOMS: atom_id res chain seq x y z
N MET A 1 6.29 -28.31 8.42
CA MET A 1 5.78 -26.95 8.84
C MET A 1 5.01 -26.97 10.19
N LYS A 2 5.72 -26.68 11.29
CA LYS A 2 5.13 -26.52 12.64
C LYS A 2 5.47 -25.21 13.38
N LYS A 3 6.39 -24.39 12.86
CA LYS A 3 6.63 -23.06 13.41
C LYS A 3 6.76 -21.99 12.33
N ILE A 4 5.85 -21.02 12.37
CA ILE A 4 5.76 -19.90 11.42
C ILE A 4 6.04 -18.58 12.14
N ALA A 5 6.81 -17.70 11.50
CA ALA A 5 6.94 -16.32 11.95
C ALA A 5 6.26 -15.38 10.95
N VAL A 6 6.00 -14.16 11.41
CA VAL A 6 5.29 -13.15 10.62
C VAL A 6 5.78 -11.79 11.02
N LEU A 7 5.98 -10.93 10.03
CA LEU A 7 6.39 -9.56 10.30
C LEU A 7 5.64 -8.66 9.39
N THR A 8 5.66 -7.37 9.75
CA THR A 8 5.19 -6.30 8.87
C THR A 8 6.37 -5.40 8.59
N SER A 9 6.45 -4.90 7.38
CA SER A 9 7.63 -4.18 6.94
C SER A 9 7.29 -3.05 5.96
N GLY A 10 8.07 -1.97 6.02
CA GLY A 10 7.90 -0.81 5.13
C GLY A 10 6.81 0.13 5.59
N GLY A 11 6.48 1.10 4.75
CA GLY A 11 5.41 2.04 5.08
C GLY A 11 4.16 1.29 5.47
N ASP A 12 3.50 1.67 6.56
CA ASP A 12 2.32 0.86 7.00
C ASP A 12 1.08 1.13 6.14
N SER A 13 0.25 0.11 5.99
CA SER A 13 -1.02 0.29 5.29
C SER A 13 -2.19 -0.34 6.08
N PRO A 14 -3.39 0.26 5.95
CA PRO A 14 -4.60 -0.30 6.54
C PRO A 14 -4.87 -1.76 6.16
N GLY A 15 -5.15 -2.61 7.14
CA GLY A 15 -5.43 -4.03 6.91
C GLY A 15 -4.22 -4.89 7.25
N MET A 16 -3.08 -4.25 7.55
CA MET A 16 -1.89 -4.99 7.97
C MET A 16 -2.22 -5.87 9.16
N ASN A 17 -2.93 -5.32 10.15
CA ASN A 17 -3.31 -6.08 11.37
C ASN A 17 -4.28 -7.18 11.05
N ALA A 18 -5.29 -6.88 10.25
CA ALA A 18 -6.21 -7.88 9.72
C ALA A 18 -5.45 -9.08 9.14
N ALA A 19 -4.43 -8.76 8.34
CA ALA A 19 -3.57 -9.77 7.70
C ALA A 19 -2.85 -10.63 8.69
N VAL A 20 -2.24 -9.99 9.66
CA VAL A 20 -1.55 -10.68 10.79
C VAL A 20 -2.52 -11.61 11.52
N ARG A 21 -3.63 -11.02 11.97
CA ARG A 21 -4.73 -11.74 12.63
C ARG A 21 -5.10 -13.02 11.88
N ALA A 22 -5.21 -12.94 10.56
CA ALA A 22 -5.52 -14.08 9.71
C ALA A 22 -4.41 -15.14 9.71
N VAL A 23 -3.17 -14.71 9.58
CA VAL A 23 -2.05 -15.64 9.66
C VAL A 23 -2.07 -16.40 10.98
N VAL A 24 -2.05 -15.65 12.08
CA VAL A 24 -2.07 -16.19 13.45
C VAL A 24 -3.17 -17.22 13.61
N ARG A 25 -4.40 -16.82 13.37
CA ARG A 25 -5.56 -17.71 13.58
C ARG A 25 -5.56 -18.97 12.68
N THR A 26 -5.26 -18.77 11.41
CA THR A 26 -5.23 -19.85 10.45
C THR A 26 -4.15 -20.87 10.87
N ALA A 27 -3.00 -20.37 11.24
CA ALA A 27 -1.89 -21.22 11.56
C ALA A 27 -2.22 -22.09 12.76
N ILE A 28 -2.57 -21.41 13.84
CA ILE A 28 -3.00 -22.00 15.09
C ILE A 28 -4.12 -23.00 14.81
N TYR A 29 -5.13 -22.62 14.04
CA TYR A 29 -6.16 -23.56 13.63
C TYR A 29 -5.57 -24.86 13.10
N ASN A 30 -4.52 -24.78 12.30
CA ASN A 30 -3.82 -25.95 11.74
C ASN A 30 -2.71 -26.50 12.59
N GLU A 31 -2.71 -26.13 13.87
CA GLU A 31 -1.80 -26.68 14.87
C GLU A 31 -0.37 -26.36 14.47
N ILE A 32 -0.17 -25.10 14.13
CA ILE A 32 1.13 -24.53 13.84
C ILE A 32 1.34 -23.43 14.86
N GLU A 33 2.54 -23.32 15.37
CA GLU A 33 2.85 -22.31 16.37
C GLU A 33 3.30 -21.09 15.63
N VAL A 34 3.03 -19.91 16.19
CA VAL A 34 3.26 -18.66 15.46
C VAL A 34 3.89 -17.55 16.26
N TYR A 35 4.89 -16.95 15.65
CA TYR A 35 5.78 -16.08 16.30
C TYR A 35 5.68 -14.73 15.66
N GLY A 36 5.49 -13.74 16.51
CA GLY A 36 5.40 -12.35 16.11
C GLY A 36 6.76 -11.72 16.15
N VAL A 37 7.21 -11.29 14.98
CA VAL A 37 8.46 -10.54 14.78
C VAL A 37 8.15 -9.04 14.86
N TYR A 38 8.76 -8.37 15.83
CA TYR A 38 8.45 -6.97 16.17
C TYR A 38 9.49 -6.01 15.60
N HIS A 39 9.03 -4.92 15.01
CA HIS A 39 9.87 -3.91 14.37
C HIS A 39 10.50 -4.40 13.09
N GLY A 40 9.71 -5.09 12.29
CA GLY A 40 10.11 -5.42 10.93
C GLY A 40 11.33 -6.31 10.89
N TYR A 41 12.15 -6.10 9.87
CA TYR A 41 13.41 -6.79 9.76
C TYR A 41 14.44 -6.38 10.83
N GLN A 42 14.32 -5.17 11.37
CA GLN A 42 15.14 -4.76 12.54
C GLN A 42 15.00 -5.75 13.68
N GLY A 43 13.76 -6.07 14.00
CA GLY A 43 13.48 -6.99 15.06
C GLY A 43 13.96 -8.37 14.75
N LEU A 44 13.96 -8.70 13.47
CA LEU A 44 14.51 -9.98 13.03
C LEU A 44 15.99 -10.15 13.39
N LEU A 45 16.76 -9.05 13.37
CA LEU A 45 18.16 -9.03 13.82
C LEU A 45 18.25 -9.01 15.35
N ASN A 46 17.54 -8.05 15.94
CA ASN A 46 17.48 -7.85 17.39
C ASN A 46 16.90 -9.03 18.13
N ASP A 47 16.41 -10.02 17.39
CA ASP A 47 15.86 -11.23 17.94
C ASP A 47 14.57 -10.96 18.73
N ASP A 48 13.81 -9.96 18.28
CA ASP A 48 12.57 -9.46 18.89
C ASP A 48 11.39 -10.28 18.36
N ILE A 49 11.43 -11.56 18.62
CA ILE A 49 10.49 -12.55 18.14
C ILE A 49 9.73 -13.04 19.35
N HIS A 50 8.43 -13.28 19.21
CA HIS A 50 7.60 -13.69 20.35
C HIS A 50 6.39 -14.47 19.91
N LYS A 51 6.20 -15.66 20.47
CA LYS A 51 5.01 -16.46 20.27
C LYS A 51 3.70 -15.68 20.44
N LEU A 52 2.74 -16.00 19.58
CA LEU A 52 1.44 -15.35 19.51
C LEU A 52 0.36 -16.38 19.70
N GLU A 53 -0.58 -16.04 20.54
CA GLU A 53 -1.74 -16.87 20.86
C GLU A 53 -2.94 -16.33 20.11
N LEU A 54 -4.05 -17.04 20.21
CA LEU A 54 -5.29 -16.58 19.59
C LEU A 54 -5.66 -15.19 20.07
N GLY A 55 -5.55 -14.96 21.37
CA GLY A 55 -5.91 -13.68 21.97
C GLY A 55 -4.95 -12.54 21.68
N SER A 56 -3.72 -12.85 21.26
CA SER A 56 -2.74 -11.82 20.92
C SER A 56 -3.17 -10.89 19.75
N VAL A 57 -4.08 -11.40 18.92
CA VAL A 57 -4.63 -10.66 17.78
C VAL A 57 -6.16 -10.47 17.88
N GLY A 58 -6.69 -10.52 19.09
CA GLY A 58 -8.05 -10.08 19.35
C GLY A 58 -8.13 -8.56 19.22
N ASP A 59 -9.26 -8.07 18.75
CA ASP A 59 -9.52 -6.63 18.68
C ASP A 59 -8.43 -5.92 17.84
N THR A 60 -8.09 -6.52 16.69
CA THR A 60 -7.15 -5.95 15.73
C THR A 60 -7.65 -5.81 14.29
N ILE A 61 -8.67 -6.55 13.89
CA ILE A 61 -9.10 -6.50 12.48
C ILE A 61 -9.30 -5.06 12.04
N GLN A 62 -10.00 -4.32 12.88
CA GLN A 62 -10.35 -2.92 12.61
C GLN A 62 -9.18 -1.96 12.83
N ARG A 63 -8.17 -2.41 13.57
CA ARG A 63 -7.02 -1.58 13.89
C ARG A 63 -6.32 -1.05 12.66
N GLY A 64 -6.10 0.26 12.66
CA GLY A 64 -5.25 0.89 11.67
C GLY A 64 -3.84 0.50 12.04
N GLY A 65 -2.92 0.60 11.08
CA GLY A 65 -1.51 0.35 11.33
C GLY A 65 -1.07 -1.10 11.42
N THR A 66 -0.03 -1.31 12.22
CA THR A 66 0.54 -2.63 12.59
C THR A 66 0.92 -2.63 14.11
N PHE A 67 0.45 -3.63 14.85
CA PHE A 67 0.77 -3.73 16.28
C PHE A 67 2.12 -4.36 16.59
N LEU A 68 2.59 -5.26 15.73
CA LEU A 68 4.01 -5.60 15.64
C LEU A 68 4.45 -4.38 14.93
N TYR A 69 5.62 -3.85 15.22
CA TYR A 69 5.93 -2.57 14.56
C TYR A 69 6.55 -2.81 13.18
N SER A 70 6.82 -1.73 12.47
CA SER A 70 7.65 -1.75 11.28
C SER A 70 8.87 -0.85 11.43
N ALA A 71 10.00 -1.34 10.92
CA ALA A 71 11.27 -0.61 10.86
C ALA A 71 11.78 -0.45 9.43
N ARG A 72 12.72 0.48 9.28
CA ARG A 72 13.54 0.58 8.07
C ARG A 72 14.86 -0.07 8.46
N CYS A 73 15.29 -1.06 7.67
CA CYS A 73 16.50 -1.84 7.95
C CYS A 73 17.36 -1.92 6.68
N PRO A 74 17.93 -0.77 6.24
CA PRO A 74 18.78 -0.72 5.05
C PRO A 74 19.96 -1.68 5.09
N GLU A 75 20.60 -1.78 6.25
CA GLU A 75 21.60 -2.81 6.52
C GLU A 75 21.17 -4.23 6.11
N PHE A 76 19.88 -4.53 6.06
CA PHE A 76 19.43 -5.85 5.57
C PHE A 76 19.79 -6.15 4.12
N LYS A 77 20.34 -5.16 3.41
CA LYS A 77 20.79 -5.36 2.04
C LYS A 77 22.16 -6.07 1.94
N GLU A 78 22.60 -6.71 3.04
CA GLU A 78 23.95 -7.22 3.22
C GLU A 78 23.92 -8.67 3.67
N GLN A 79 24.40 -9.58 2.82
CA GLN A 79 24.48 -11.03 3.14
C GLN A 79 24.83 -11.32 4.61
N GLU A 80 25.89 -10.65 5.08
CA GLU A 80 26.51 -10.88 6.39
C GLU A 80 25.61 -10.51 7.58
N VAL A 81 24.87 -9.42 7.41
CA VAL A 81 23.80 -9.00 8.34
C VAL A 81 22.66 -10.01 8.34
N ARG A 82 22.19 -10.35 7.14
CA ARG A 82 21.13 -11.34 6.96
C ARG A 82 21.44 -12.67 7.62
N LYS A 83 22.71 -13.06 7.60
CA LYS A 83 23.16 -14.31 8.25
C LYS A 83 22.74 -14.39 9.72
N VAL A 84 22.78 -13.26 10.42
CA VAL A 84 22.34 -13.14 11.83
C VAL A 84 20.81 -13.40 11.94
N ALA A 85 20.04 -12.64 11.17
CA ALA A 85 18.58 -12.80 11.09
C ALA A 85 18.21 -14.25 10.89
N ILE A 86 18.75 -14.83 9.82
CA ILE A 86 18.50 -16.22 9.50
C ILE A 86 18.71 -17.12 10.71
N GLU A 87 19.79 -16.87 11.46
CA GLU A 87 20.12 -17.72 12.62
C GLU A 87 19.06 -17.61 13.70
N ASN A 88 18.67 -16.37 14.03
CA ASN A 88 17.63 -16.09 15.01
C ASN A 88 16.39 -16.94 14.80
N LEU A 89 15.96 -17.03 13.55
CA LEU A 89 14.87 -17.92 13.15
C LEU A 89 15.31 -19.38 13.21
N ARG A 90 16.47 -19.68 12.61
CA ARG A 90 17.02 -21.05 12.57
C ARG A 90 17.25 -21.69 13.96
N LYS A 91 17.58 -20.86 14.94
CA LYS A 91 17.78 -21.35 16.31
C LYS A 91 16.49 -21.72 17.04
N ARG A 92 15.38 -21.07 16.70
CA ARG A 92 14.06 -21.38 17.31
C ARG A 92 13.18 -22.40 16.56
N GLY A 93 13.70 -23.09 15.55
CA GLY A 93 12.90 -24.11 14.84
C GLY A 93 11.83 -23.62 13.86
N ILE A 94 11.86 -22.31 13.57
CA ILE A 94 10.97 -21.69 12.61
C ILE A 94 11.41 -22.09 11.19
N GLU A 95 10.50 -22.74 10.47
CA GLU A 95 10.71 -23.23 9.11
C GLU A 95 10.02 -22.41 8.03
N GLY A 96 9.31 -21.37 8.45
CA GLY A 96 8.50 -20.54 7.55
C GLY A 96 8.41 -19.12 8.04
N LEU A 97 8.50 -18.16 7.12
CA LEU A 97 8.34 -16.75 7.47
C LEU A 97 7.39 -16.01 6.55
N VAL A 98 6.41 -15.29 7.13
CA VAL A 98 5.45 -14.53 6.34
C VAL A 98 5.71 -13.06 6.51
N VAL A 99 5.59 -12.34 5.39
CA VAL A 99 6.06 -10.97 5.30
C VAL A 99 5.01 -10.10 4.62
N ILE A 100 4.59 -9.06 5.33
CA ILE A 100 3.47 -8.22 4.96
C ILE A 100 4.07 -6.84 4.73
N GLY A 101 4.09 -6.40 3.47
CA GLY A 101 4.58 -5.06 3.14
C GLY A 101 4.68 -4.74 1.65
N GLY A 102 5.60 -3.83 1.32
CA GLY A 102 5.86 -3.42 -0.05
C GLY A 102 6.67 -4.46 -0.81
N ASP A 103 6.89 -4.20 -2.10
CA ASP A 103 7.82 -5.01 -2.93
C ASP A 103 9.27 -4.96 -2.39
N GLY A 104 9.60 -3.87 -1.69
CA GLY A 104 10.83 -3.79 -0.90
C GLY A 104 10.89 -4.92 0.11
N SER A 105 9.86 -4.97 0.96
CA SER A 105 9.70 -6.04 1.97
C SER A 105 9.96 -7.41 1.40
N TYR A 106 9.37 -7.65 0.24
CA TYR A 106 9.52 -8.89 -0.50
C TYR A 106 10.99 -9.23 -0.80
N ARG A 107 11.79 -8.23 -1.19
CA ARG A 107 13.18 -8.46 -1.54
C ARG A 107 13.86 -9.39 -0.53
N GLY A 108 14.07 -8.86 0.67
CA GLY A 108 14.73 -9.62 1.75
C GLY A 108 14.12 -10.99 2.05
N ALA A 109 12.83 -11.13 1.82
CA ALA A 109 12.18 -12.42 1.95
C ALA A 109 12.64 -13.37 0.86
N GLN A 110 12.88 -12.86 -0.34
CA GLN A 110 13.45 -13.69 -1.40
C GLN A 110 14.86 -14.10 -1.03
N ARG A 111 15.65 -13.15 -0.54
CA ARG A 111 17.01 -13.41 -0.08
C ARG A 111 17.03 -14.59 0.86
N ILE A 112 16.24 -14.50 1.91
CA ILE A 112 16.21 -15.53 2.93
C ILE A 112 15.92 -16.88 2.33
N SER A 113 15.03 -16.95 1.35
CA SER A 113 14.67 -18.23 0.72
C SER A 113 15.83 -18.85 0.01
N GLU A 114 16.49 -18.03 -0.83
CA GLU A 114 17.73 -18.38 -1.56
C GLU A 114 18.82 -18.80 -0.57
N GLU A 115 19.05 -17.94 0.40
CA GLU A 115 20.10 -18.14 1.38
C GLU A 115 19.83 -19.20 2.46
N CYS A 116 18.63 -19.77 2.50
CA CYS A 116 18.30 -20.86 3.43
C CYS A 116 17.15 -21.72 2.91
N LYS A 117 17.49 -22.86 2.29
CA LYS A 117 16.45 -23.74 1.76
C LYS A 117 15.53 -24.36 2.84
N GLU A 118 15.81 -24.10 4.11
CA GLU A 118 14.98 -24.56 5.23
C GLU A 118 13.76 -23.68 5.34
N ILE A 119 14.02 -22.39 5.46
CA ILE A 119 12.97 -21.40 5.74
C ILE A 119 12.16 -21.08 4.49
N GLN A 120 10.90 -21.50 4.48
CA GLN A 120 9.96 -21.04 3.46
C GLN A 120 9.57 -19.55 3.69
N THR A 121 9.49 -18.80 2.61
CA THR A 121 9.08 -17.40 2.66
C THR A 121 7.86 -17.15 1.79
N ILE A 122 6.98 -16.26 2.26
CA ILE A 122 5.76 -15.87 1.56
C ILE A 122 5.53 -14.37 1.74
N GLY A 123 5.14 -13.70 0.66
CA GLY A 123 4.88 -12.26 0.63
C GLY A 123 3.42 -11.91 0.44
N ILE A 124 2.95 -10.97 1.28
CA ILE A 124 1.59 -10.48 1.27
C ILE A 124 1.69 -8.98 1.01
N PRO A 125 0.92 -8.44 0.05
CA PRO A 125 1.02 -7.05 -0.39
C PRO A 125 0.29 -6.02 0.47
N GLY A 126 0.84 -5.76 1.64
CA GLY A 126 0.37 -4.71 2.52
C GLY A 126 0.96 -3.37 2.12
N THR A 127 0.26 -2.66 1.25
CA THR A 127 0.70 -1.34 0.79
C THR A 127 -0.36 -0.57 0.02
N ILE A 128 -0.20 0.75 0.08
CA ILE A 128 -1.11 1.75 -0.49
C ILE A 128 -0.88 1.95 -1.98
N ASP A 129 0.36 1.85 -2.41
CA ASP A 129 0.79 1.96 -3.81
C ASP A 129 -0.10 1.35 -4.89
N ASN A 130 -0.49 0.09 -4.68
CA ASN A 130 -1.05 -0.81 -5.72
C ASN A 130 0.03 -1.32 -6.68
N ASP A 131 1.31 -1.07 -6.33
CA ASP A 131 2.45 -1.08 -7.28
C ASP A 131 3.19 -2.41 -7.29
N ILE A 132 2.52 -3.47 -6.85
CA ILE A 132 3.09 -4.81 -6.80
C ILE A 132 2.52 -5.59 -7.95
N ASN A 133 3.38 -6.39 -8.55
CA ASN A 133 3.02 -7.27 -9.66
C ASN A 133 2.33 -8.52 -9.20
N GLY A 134 1.45 -9.04 -10.03
CA GLY A 134 0.73 -10.27 -9.74
C GLY A 134 -0.44 -10.10 -8.77
N THR A 135 -0.82 -8.85 -8.51
CA THR A 135 -2.05 -8.54 -7.80
C THR A 135 -2.69 -7.32 -8.45
N ASP A 136 -3.98 -7.42 -8.78
CA ASP A 136 -4.75 -6.30 -9.29
C ASP A 136 -4.80 -5.17 -8.26
N PHE A 137 -5.01 -5.58 -7.00
CA PHE A 137 -5.09 -4.68 -5.85
C PHE A 137 -4.28 -5.14 -4.63
N THR A 138 -3.76 -4.18 -3.88
CA THR A 138 -2.98 -4.40 -2.67
C THR A 138 -3.78 -3.99 -1.43
N ILE A 139 -3.31 -4.39 -0.26
CA ILE A 139 -4.04 -4.21 0.97
C ILE A 139 -3.74 -2.80 1.42
N GLY A 140 -4.74 -1.92 1.33
CA GLY A 140 -4.63 -0.54 1.78
C GLY A 140 -5.09 0.46 0.73
N PHE A 141 -5.05 0.03 -0.52
CA PHE A 141 -5.55 0.82 -1.64
C PHE A 141 -6.97 1.36 -1.39
N ASP A 142 -7.91 0.46 -1.22
CA ASP A 142 -9.27 0.89 -1.08
C ASP A 142 -9.47 1.88 0.07
N THR A 143 -8.81 1.62 1.20
CA THR A 143 -8.87 2.49 2.36
C THR A 143 -8.30 3.84 2.04
N ALA A 144 -7.08 3.86 1.53
CA ALA A 144 -6.46 5.09 1.05
C ALA A 144 -7.40 5.86 0.11
N LEU A 145 -7.90 5.17 -0.89
CA LEU A 145 -8.87 5.76 -1.85
C LEU A 145 -10.01 6.50 -1.12
N ASN A 146 -10.48 5.90 -0.04
CA ASN A 146 -11.59 6.46 0.71
C ASN A 146 -11.15 7.52 1.68
N THR A 147 -9.95 7.39 2.18
CA THR A 147 -9.39 8.47 2.97
C THR A 147 -9.33 9.75 2.12
N ILE A 148 -8.82 9.63 0.91
CA ILE A 148 -8.64 10.80 0.06
C ILE A 148 -9.98 11.43 -0.25
N ILE A 149 -10.96 10.60 -0.62
CA ILE A 149 -12.32 11.10 -0.82
C ILE A 149 -12.67 11.93 0.40
N GLY A 150 -12.48 11.34 1.58
CA GLY A 150 -12.92 11.93 2.83
C GLY A 150 -12.22 13.24 3.11
N LEU A 151 -10.91 13.23 2.99
CA LEU A 151 -10.12 14.45 3.13
C LEU A 151 -10.61 15.52 2.15
N VAL A 152 -10.76 15.15 0.89
CA VAL A 152 -11.18 16.09 -0.14
C VAL A 152 -12.53 16.70 0.19
N ASP A 153 -13.43 15.87 0.70
CA ASP A 153 -14.75 16.35 1.09
C ASP A 153 -14.68 17.37 2.24
N LYS A 154 -13.69 17.22 3.10
CA LYS A 154 -13.53 18.10 4.24
C LYS A 154 -13.10 19.48 3.79
N ILE A 155 -11.97 19.54 3.11
CA ILE A 155 -11.44 20.76 2.50
C ILE A 155 -12.55 21.52 1.81
N ARG A 156 -13.33 20.83 1.00
CA ARG A 156 -14.50 21.44 0.40
C ARG A 156 -15.29 22.13 1.52
N ASP A 157 -15.78 21.34 2.47
CA ASP A 157 -16.69 21.82 3.54
C ASP A 157 -16.12 22.87 4.49
N THR A 158 -14.81 22.95 4.62
CA THR A 158 -14.20 23.92 5.50
C THR A 158 -13.59 25.10 4.73
N ALA A 159 -13.82 25.15 3.42
CA ALA A 159 -13.29 26.24 2.61
C ALA A 159 -14.35 27.30 2.44
N SER A 160 -13.92 28.51 2.12
CA SER A 160 -14.86 29.57 1.75
C SER A 160 -15.20 29.40 0.29
N SER A 161 -16.16 30.20 -0.18
CA SER A 161 -16.65 30.11 -1.56
C SER A 161 -15.73 30.72 -2.64
N HIS A 162 -14.65 31.39 -2.25
CA HIS A 162 -13.72 32.03 -3.21
C HIS A 162 -12.76 31.05 -3.86
N ALA A 163 -11.84 30.49 -3.06
CA ALA A 163 -10.89 29.48 -3.54
C ALA A 163 -11.72 28.47 -4.31
N ARG A 164 -11.45 28.37 -5.62
CA ARG A 164 -12.18 27.45 -6.49
C ARG A 164 -11.19 26.52 -7.16
N THR A 165 -10.14 26.15 -6.41
CA THR A 165 -9.07 25.27 -6.92
C THR A 165 -8.35 24.55 -5.80
N PHE A 166 -8.49 23.23 -5.80
CA PHE A 166 -7.91 22.42 -4.76
C PHE A 166 -6.86 21.45 -5.34
N ILE A 167 -5.59 21.79 -5.17
CA ILE A 167 -4.50 21.07 -5.83
C ILE A 167 -3.99 20.00 -4.89
N ILE A 168 -4.58 18.83 -5.02
CA ILE A 168 -4.51 17.81 -3.99
C ILE A 168 -3.52 16.69 -4.30
N GLU A 169 -2.52 16.52 -3.44
CA GLU A 169 -1.47 15.50 -3.62
C GLU A 169 -1.78 14.14 -2.99
N ALA A 170 -1.92 13.16 -3.87
CA ALA A 170 -2.17 11.78 -3.49
C ALA A 170 -0.89 10.94 -3.50
N MET A 171 -0.80 10.01 -2.55
CA MET A 171 0.41 9.21 -2.27
C MET A 171 0.54 7.90 -3.07
N GLY A 172 0.92 7.98 -4.34
CA GLY A 172 1.12 6.75 -5.14
C GLY A 172 2.54 6.21 -5.30
N ARG A 173 3.53 6.90 -4.73
CA ARG A 173 4.96 6.64 -5.07
C ARG A 173 4.98 6.69 -6.61
N ASP A 174 5.54 5.71 -7.32
CA ASP A 174 5.48 5.71 -8.82
C ASP A 174 4.27 5.14 -9.60
N CYS A 175 3.09 5.05 -8.97
CA CYS A 175 1.90 4.45 -9.62
C CYS A 175 0.67 5.33 -9.47
N GLY A 176 0.04 5.62 -10.59
CA GLY A 176 -1.02 6.62 -10.63
C GLY A 176 -2.43 6.12 -10.37
N ASP A 177 -2.58 4.96 -9.76
CA ASP A 177 -3.92 4.36 -9.59
C ASP A 177 -4.72 5.11 -8.56
N LEU A 178 -4.13 5.34 -7.40
CA LEU A 178 -4.78 6.09 -6.32
C LEU A 178 -5.30 7.42 -6.79
N ALA A 179 -4.43 8.16 -7.48
CA ALA A 179 -4.76 9.46 -8.02
C ALA A 179 -5.88 9.40 -9.07
N LEU A 180 -5.83 8.34 -9.88
CA LEU A 180 -6.85 8.10 -10.87
C LEU A 180 -8.16 7.77 -10.18
N TRP A 181 -8.13 6.74 -9.36
CA TRP A 181 -9.33 6.29 -8.68
C TRP A 181 -9.93 7.38 -7.79
N ALA A 182 -9.09 8.15 -7.12
CA ALA A 182 -9.56 9.21 -6.23
C ALA A 182 -10.03 10.42 -7.02
N GLY A 183 -9.31 10.75 -8.08
CA GLY A 183 -9.73 11.80 -9.01
C GLY A 183 -11.11 11.56 -9.57
N LEU A 184 -11.29 10.39 -10.16
CA LEU A 184 -12.58 9.99 -10.69
C LEU A 184 -13.66 10.23 -9.62
N SER A 185 -13.41 9.69 -8.43
CA SER A 185 -14.40 9.58 -7.35
C SER A 185 -14.82 10.91 -6.78
N VAL A 186 -13.90 11.86 -6.73
CA VAL A 186 -14.20 13.21 -6.27
C VAL A 186 -14.56 14.15 -7.43
N GLY A 187 -14.75 13.63 -8.61
CA GLY A 187 -15.10 14.47 -9.74
C GLY A 187 -14.06 15.53 -10.05
N ALA A 188 -12.79 15.19 -9.88
CA ALA A 188 -11.69 16.06 -10.24
C ALA A 188 -11.76 16.34 -11.72
N GLU A 189 -11.44 17.58 -12.09
CA GLU A 189 -11.38 17.99 -13.49
C GLU A 189 -10.13 17.43 -14.11
N THR A 190 -9.04 17.51 -13.35
CA THR A 190 -7.74 17.09 -13.81
C THR A 190 -7.05 16.15 -12.84
N ILE A 191 -6.36 15.18 -13.44
CA ILE A 191 -5.65 14.13 -12.76
C ILE A 191 -4.29 14.12 -13.41
N VAL A 192 -3.26 14.13 -12.56
CA VAL A 192 -1.86 14.23 -12.99
C VAL A 192 -1.14 12.98 -12.51
N VAL A 193 -0.75 12.14 -13.47
CA VAL A 193 -0.09 10.87 -13.15
C VAL A 193 1.16 10.65 -13.99
N PRO A 194 2.14 9.90 -13.44
CA PRO A 194 3.39 9.58 -14.13
C PRO A 194 3.18 9.07 -15.56
N GLU A 195 2.17 8.22 -15.68
CA GLU A 195 1.86 7.45 -16.88
C GLU A 195 1.22 8.24 -18.03
N VAL A 196 0.88 9.51 -17.80
CA VAL A 196 0.37 10.34 -18.89
C VAL A 196 1.09 11.68 -18.92
N LYS A 197 1.50 12.04 -20.13
CA LYS A 197 2.27 13.25 -20.39
C LYS A 197 1.40 14.42 -20.00
N THR A 198 1.90 15.20 -19.05
CA THR A 198 1.06 16.16 -18.34
C THR A 198 1.19 17.54 -18.98
N ASP A 199 0.09 17.97 -19.61
CA ASP A 199 0.04 19.19 -20.37
C ASP A 199 -0.52 20.30 -19.50
N ILE A 200 0.35 20.89 -18.70
CA ILE A 200 -0.02 21.95 -17.74
C ILE A 200 -0.74 23.12 -18.44
N LYS A 201 -0.26 23.48 -19.63
CA LYS A 201 -0.92 24.48 -20.50
C LYS A 201 -2.41 24.10 -20.66
N GLU A 202 -2.65 22.91 -21.21
CA GLU A 202 -3.99 22.36 -21.41
C GLU A 202 -4.83 22.30 -20.11
N ILE A 203 -4.18 22.01 -18.99
CA ILE A 203 -4.85 21.89 -17.67
C ILE A 203 -5.46 23.21 -17.19
N ALA A 204 -4.63 24.26 -17.13
CA ALA A 204 -5.06 25.65 -16.84
C ALA A 204 -5.98 26.17 -17.95
N ASP A 205 -5.65 25.82 -19.19
CA ASP A 205 -6.52 26.02 -20.37
C ASP A 205 -7.96 25.52 -20.13
N LYS A 206 -8.12 24.57 -19.20
CA LYS A 206 -9.42 23.98 -18.81
C LYS A 206 -10.00 24.48 -17.46
N ILE A 207 -9.16 25.00 -16.57
CA ILE A 207 -9.67 25.66 -15.36
C ILE A 207 -10.21 27.03 -15.77
N GLU A 208 -9.34 27.81 -16.43
CA GLU A 208 -9.70 29.09 -17.06
C GLU A 208 -10.93 28.89 -17.94
N GLN A 209 -10.94 27.82 -18.73
CA GLN A 209 -12.05 27.62 -19.68
C GLN A 209 -13.38 27.05 -19.09
N GLY A 210 -13.41 26.74 -17.79
CA GLY A 210 -14.67 26.35 -17.11
C GLY A 210 -15.02 27.06 -15.80
N ILE A 211 -14.16 27.95 -15.30
CA ILE A 211 -14.36 28.62 -13.99
C ILE A 211 -14.59 30.11 -14.04
N LYS A 212 -14.25 30.72 -15.19
CA LYS A 212 -14.87 32.01 -15.57
C LYS A 212 -16.11 31.68 -16.39
N ARG A 213 -16.40 30.39 -16.43
CA ARG A 213 -17.59 29.80 -16.97
C ARG A 213 -18.47 29.22 -15.81
N GLY A 214 -18.27 29.71 -14.60
CA GLY A 214 -19.35 29.77 -13.61
C GLY A 214 -19.69 28.60 -12.69
N LYS A 215 -18.79 27.61 -12.61
CA LYS A 215 -18.95 26.50 -11.66
C LYS A 215 -18.51 26.97 -10.27
N LYS A 216 -18.50 26.04 -9.34
CA LYS A 216 -18.17 26.28 -7.95
C LYS A 216 -16.82 25.63 -8.30
N HIS A 217 -16.05 25.28 -7.26
CA HIS A 217 -14.73 24.68 -7.39
C HIS A 217 -14.29 23.57 -8.35
N SER A 218 -13.04 23.65 -8.76
CA SER A 218 -12.42 22.67 -9.63
C SER A 218 -11.36 22.06 -8.78
N ILE A 219 -11.10 20.77 -8.96
CA ILE A 219 -10.04 20.12 -8.17
C ILE A 219 -9.02 19.42 -9.08
N VAL A 220 -7.75 19.46 -8.67
CA VAL A 220 -6.64 18.80 -9.37
C VAL A 220 -6.00 17.81 -8.43
N LEU A 221 -6.13 16.54 -8.76
CA LEU A 221 -5.46 15.49 -8.01
C LEU A 221 -4.16 15.20 -8.70
N VAL A 222 -3.15 14.89 -7.92
CA VAL A 222 -1.76 14.84 -8.38
C VAL A 222 -1.12 13.62 -7.78
N ALA A 223 -0.54 12.78 -8.63
CA ALA A 223 0.21 11.64 -8.15
C ALA A 223 1.58 12.12 -7.70
N GLU A 224 1.97 11.81 -6.46
CA GLU A 224 3.26 12.29 -5.90
C GLU A 224 4.45 11.88 -6.76
N GLY A 225 4.30 10.74 -7.44
CA GLY A 225 5.21 10.28 -8.51
C GLY A 225 5.45 11.28 -9.60
N CYS A 226 4.38 11.89 -10.10
CA CYS A 226 4.52 12.95 -11.09
C CYS A 226 5.23 14.18 -10.44
N MET A 227 4.55 14.90 -9.56
CA MET A 227 5.12 16.12 -8.99
C MET A 227 4.55 16.45 -7.61
N THR A 228 5.22 17.36 -6.89
CA THR A 228 4.68 17.94 -5.65
C THR A 228 3.46 18.82 -5.99
N ALA A 229 2.61 19.03 -5.00
CA ALA A 229 1.48 19.97 -5.14
C ALA A 229 1.95 21.44 -5.25
N GLN A 230 3.03 21.76 -4.52
CA GLN A 230 3.66 23.06 -4.64
C GLN A 230 4.27 23.26 -6.03
N ASP A 231 4.94 22.24 -6.57
CA ASP A 231 5.46 22.31 -7.95
C ASP A 231 4.37 22.55 -9.00
N CYS A 232 3.19 21.98 -8.81
CA CYS A 232 2.11 22.12 -9.77
C CYS A 232 1.41 23.47 -9.68
N GLN A 233 1.28 24.01 -8.46
CA GLN A 233 0.75 25.38 -8.25
C GLN A 233 1.70 26.46 -8.80
N LYS A 234 3.00 26.21 -8.68
CA LYS A 234 3.99 27.02 -9.39
C LYS A 234 3.76 26.85 -10.88
N GLU A 235 3.91 25.61 -11.36
CA GLU A 235 3.71 25.34 -12.79
C GLU A 235 2.38 25.88 -13.37
N LEU A 236 1.35 26.00 -12.53
CA LEU A 236 0.05 26.55 -12.96
C LEU A 236 -0.15 28.05 -12.91
N SER A 237 0.63 28.78 -12.11
CA SER A 237 0.59 30.25 -12.19
C SER A 237 1.18 30.74 -13.50
N GLN A 238 2.19 29.98 -13.94
CA GLN A 238 3.03 30.31 -15.09
C GLN A 238 2.25 30.27 -16.41
N TYR A 239 0.94 30.07 -16.27
CA TYR A 239 -0.02 30.46 -17.28
C TYR A 239 -1.15 31.32 -16.67
N ILE A 240 -1.88 30.79 -15.70
CA ILE A 240 -3.11 31.45 -15.15
C ILE A 240 -3.13 31.65 -13.62
N ASN A 241 -4.10 32.44 -13.15
CA ASN A 241 -4.21 32.76 -11.73
C ASN A 241 -4.95 31.69 -10.94
N VAL A 242 -4.26 31.20 -9.93
CA VAL A 242 -4.74 30.20 -9.01
C VAL A 242 -3.70 30.35 -7.95
N ASP A 243 -4.13 30.53 -6.72
CA ASP A 243 -3.21 30.60 -5.62
C ASP A 243 -4.02 30.09 -4.45
N ASN A 244 -4.77 29.01 -4.70
CA ASN A 244 -5.87 28.60 -3.78
C ASN A 244 -5.42 27.32 -3.10
N ARG A 245 -6.25 26.68 -2.26
CA ARG A 245 -5.77 25.51 -1.48
C ARG A 245 -4.92 24.42 -2.24
N VAL A 246 -3.63 24.32 -1.86
CA VAL A 246 -2.64 23.27 -2.30
C VAL A 246 -2.45 22.28 -1.15
N SER A 247 -3.34 21.30 -1.09
CA SER A 247 -3.39 20.35 0.02
C SER A 247 -2.47 19.15 -0.18
N VAL A 248 -1.56 18.99 0.77
CA VAL A 248 -0.52 17.97 0.75
C VAL A 248 -0.92 16.89 1.75
N LEU A 249 -1.84 16.05 1.32
CA LEU A 249 -2.47 15.05 2.18
C LEU A 249 -1.47 14.31 3.07
N GLY A 250 -0.49 13.68 2.44
CA GLY A 250 0.51 12.87 3.15
C GLY A 250 -0.01 11.76 4.06
N HIS A 251 0.78 11.48 5.12
CA HIS A 251 0.74 10.24 5.95
C HIS A 251 -0.58 9.86 6.63
N VAL A 252 -1.54 10.78 6.66
CA VAL A 252 -2.90 10.48 7.11
C VAL A 252 -3.48 9.34 6.26
N GLN A 253 -3.11 9.32 4.98
CA GLN A 253 -3.49 8.27 4.02
C GLN A 253 -3.15 6.84 4.43
N ARG A 254 -2.18 6.71 5.34
CA ARG A 254 -1.68 5.45 5.87
C ARG A 254 -2.32 5.01 7.19
N GLY A 255 -2.98 5.95 7.86
CA GLY A 255 -3.70 5.67 9.09
C GLY A 255 -5.11 5.21 8.84
N GLY A 256 -5.82 4.99 9.93
CA GLY A 256 -7.24 4.73 9.88
C GLY A 256 -7.58 3.26 9.71
N SER A 257 -8.83 2.99 10.08
CA SER A 257 -9.36 1.67 10.11
C SER A 257 -9.50 1.20 8.69
N PRO A 258 -8.97 0.03 8.35
CA PRO A 258 -9.22 -0.49 7.03
C PRO A 258 -10.70 -0.57 6.71
N THR A 259 -11.03 -0.31 5.46
CA THR A 259 -12.37 -0.55 4.99
C THR A 259 -12.67 -2.05 4.88
N GLY A 260 -13.95 -2.36 4.72
CA GLY A 260 -14.37 -3.72 4.40
C GLY A 260 -13.52 -4.39 3.34
N ALA A 261 -13.31 -3.71 2.23
CA ALA A 261 -12.53 -4.22 1.08
C ALA A 261 -11.22 -4.81 1.50
N ASP A 262 -10.45 -4.03 2.27
CA ASP A 262 -9.13 -4.47 2.80
C ASP A 262 -9.15 -5.49 3.95
N ARG A 263 -10.20 -5.50 4.76
CA ARG A 263 -10.31 -6.45 5.87
C ARG A 263 -10.46 -7.86 5.33
N VAL A 264 -11.34 -7.96 4.34
CA VAL A 264 -11.60 -9.22 3.66
C VAL A 264 -10.38 -9.57 2.87
N LEU A 265 -9.84 -8.61 2.13
CA LEU A 265 -8.72 -8.93 1.26
C LEU A 265 -7.53 -9.47 2.05
N ALA A 266 -7.17 -8.71 3.09
CA ALA A 266 -6.15 -9.09 4.04
C ALA A 266 -6.40 -10.43 4.63
N SER A 267 -7.62 -10.67 5.07
CA SER A 267 -7.96 -11.92 5.74
C SER A 267 -7.73 -13.10 4.82
N ARG A 268 -8.13 -12.91 3.57
CA ARG A 268 -8.07 -13.96 2.55
C ARG A 268 -6.66 -14.35 2.21
N LEU A 269 -5.80 -13.35 2.08
CA LEU A 269 -4.39 -13.56 1.76
C LEU A 269 -3.55 -14.01 2.94
N GLY A 270 -3.93 -13.63 4.14
CA GLY A 270 -3.29 -14.15 5.34
C GLY A 270 -3.56 -15.64 5.50
N GLY A 271 -4.79 -16.06 5.21
CA GLY A 271 -5.15 -17.46 5.22
C GLY A 271 -4.41 -18.25 4.15
N TYR A 272 -4.42 -17.70 2.94
CA TYR A 272 -3.78 -18.31 1.79
C TYR A 272 -2.27 -18.41 1.97
N ALA A 273 -1.65 -17.39 2.54
CA ALA A 273 -0.22 -17.47 2.86
C ALA A 273 0.08 -18.69 3.72
N VAL A 274 -0.76 -18.93 4.72
CA VAL A 274 -0.57 -20.05 5.63
C VAL A 274 -0.72 -21.39 4.89
N ASP A 275 -1.77 -21.53 4.08
CA ASP A 275 -1.95 -22.72 3.22
C ASP A 275 -0.73 -23.05 2.39
N LEU A 276 -0.20 -22.03 1.74
CA LEU A 276 0.94 -22.23 0.88
C LEU A 276 2.17 -22.72 1.62
N LEU A 277 2.34 -22.26 2.86
CA LEU A 277 3.44 -22.74 3.70
C LEU A 277 3.21 -24.23 4.02
N MET A 278 1.97 -24.60 4.31
CA MET A 278 1.60 -25.99 4.57
C MET A 278 1.80 -26.87 3.37
N GLN A 279 1.43 -26.35 2.21
CA GLN A 279 1.71 -27.01 0.93
C GLN A 279 3.16 -26.92 0.50
N GLY A 280 4.07 -26.57 1.38
CA GLY A 280 5.49 -26.61 1.04
C GLY A 280 6.02 -25.67 -0.03
N GLU A 281 5.28 -24.61 -0.34
CA GLU A 281 5.71 -23.59 -1.34
C GLU A 281 6.62 -22.54 -0.71
N THR A 282 7.30 -21.77 -1.55
CA THR A 282 8.22 -20.75 -1.05
C THR A 282 8.57 -19.69 -2.07
N ALA A 283 8.99 -18.55 -1.56
CA ALA A 283 9.35 -17.38 -2.37
C ALA A 283 8.29 -17.03 -3.40
N LYS A 284 7.06 -16.86 -2.94
CA LYS A 284 5.98 -16.34 -3.77
C LYS A 284 5.32 -15.14 -3.09
N GLY A 285 4.79 -14.21 -3.90
CA GLY A 285 3.88 -13.18 -3.43
C GLY A 285 2.44 -13.60 -3.70
N VAL A 286 1.59 -13.56 -2.68
CA VAL A 286 0.16 -13.79 -2.90
C VAL A 286 -0.54 -12.52 -3.35
N GLY A 287 -1.70 -12.69 -3.98
CA GLY A 287 -2.53 -11.56 -4.34
C GLY A 287 -3.88 -11.96 -4.85
N ILE A 288 -4.57 -10.99 -5.47
CA ILE A 288 -5.84 -11.26 -6.15
C ILE A 288 -5.73 -10.78 -7.59
N LYS A 289 -5.82 -11.75 -8.52
CA LYS A 289 -5.72 -11.49 -9.95
C LYS A 289 -6.96 -12.04 -10.63
N ASN A 290 -7.63 -11.20 -11.40
CA ASN A 290 -8.90 -11.56 -12.05
C ASN A 290 -9.94 -12.21 -11.15
N ASN A 291 -10.09 -11.62 -9.97
CA ASN A 291 -10.96 -12.09 -8.89
C ASN A 291 -10.71 -13.52 -8.44
N LYS A 292 -9.46 -13.96 -8.62
CA LYS A 292 -8.97 -15.23 -8.18
C LYS A 292 -7.80 -14.90 -7.26
N ILE A 293 -7.74 -15.60 -6.12
CA ILE A 293 -6.58 -15.51 -5.22
C ILE A 293 -5.51 -16.40 -5.83
N VAL A 294 -4.31 -15.85 -5.90
CA VAL A 294 -3.22 -16.47 -6.62
C VAL A 294 -1.93 -16.25 -5.91
N ALA A 295 -0.91 -16.98 -6.37
CA ALA A 295 0.46 -16.81 -5.95
C ALA A 295 1.37 -16.68 -7.18
N THR A 296 2.41 -15.88 -7.01
CA THR A 296 3.26 -15.40 -8.11
C THR A 296 4.66 -15.41 -7.59
N SER A 297 5.62 -15.85 -8.40
CA SER A 297 6.98 -16.02 -7.94
C SER A 297 7.60 -14.67 -7.66
N PHE A 298 8.45 -14.55 -6.65
CA PHE A 298 9.22 -13.31 -6.50
C PHE A 298 10.00 -12.99 -7.79
N ASP A 299 10.42 -14.03 -8.53
CA ASP A 299 11.03 -13.90 -9.88
C ASP A 299 10.17 -13.10 -10.83
N GLU A 300 8.95 -13.57 -11.04
CA GLU A 300 8.01 -12.89 -11.92
C GLU A 300 7.67 -11.52 -11.34
N ILE A 301 7.56 -11.42 -10.02
CA ILE A 301 7.14 -10.17 -9.34
C ILE A 301 8.08 -8.99 -9.57
N PHE A 302 9.36 -9.27 -9.76
CA PHE A 302 10.35 -8.25 -10.08
C PHE A 302 10.73 -8.14 -11.58
N ASP A 303 10.63 -9.23 -12.34
CA ASP A 303 10.85 -9.19 -13.80
C ASP A 303 9.58 -8.82 -14.59
N LYS A 308 -1.06 -3.10 -14.46
CA LYS A 308 -0.75 -1.86 -15.17
C LYS A 308 -1.93 -0.85 -15.28
N PHE A 309 -1.59 0.23 -16.02
CA PHE A 309 -2.25 1.52 -15.96
C PHE A 309 -3.36 1.57 -17.00
N ASP A 310 -4.56 1.78 -16.47
CA ASP A 310 -5.75 1.85 -17.28
C ASP A 310 -5.95 3.25 -17.84
N TYR A 311 -5.34 3.46 -19.00
CA TYR A 311 -5.55 4.68 -19.79
C TYR A 311 -6.99 4.84 -20.22
N SER A 312 -7.73 3.75 -20.33
CA SER A 312 -9.14 3.83 -20.69
C SER A 312 -9.92 4.53 -19.55
N LEU A 313 -9.64 4.13 -18.31
CA LEU A 313 -10.28 4.68 -17.12
C LEU A 313 -9.87 6.16 -16.92
N TYR A 314 -8.59 6.46 -17.14
CA TYR A 314 -8.12 7.85 -17.19
C TYR A 314 -8.88 8.71 -18.19
N GLU A 315 -9.01 8.15 -19.39
CA GLU A 315 -9.69 8.79 -20.50
C GLU A 315 -11.15 8.99 -20.13
N LEU A 316 -11.72 8.04 -19.38
CA LEU A 316 -13.11 8.12 -18.92
C LEU A 316 -13.24 9.20 -17.86
N ALA A 317 -12.39 9.16 -16.84
CA ALA A 317 -12.33 10.21 -15.82
C ALA A 317 -12.48 11.58 -16.43
N ASN A 318 -11.68 11.85 -17.48
CA ASN A 318 -11.76 13.11 -18.22
C ASN A 318 -13.06 13.31 -18.97
N LYS A 319 -13.54 12.27 -19.67
CA LYS A 319 -14.86 12.34 -20.34
C LYS A 319 -15.96 12.87 -19.41
N LEU A 320 -15.83 12.58 -18.11
CA LEU A 320 -16.85 12.90 -17.11
C LEU A 320 -16.74 14.27 -16.47
N SER A 321 -15.67 15.02 -16.75
CA SER A 321 -15.58 16.43 -16.29
C SER A 321 -15.90 17.45 -17.43
N ILE A 322 -17.20 17.68 -17.66
CA ILE A 322 -17.77 18.71 -18.56
C ILE A 322 -16.92 18.95 -19.82
#